data_1I4W
#
_entry.id   1I4W
#
_cell.length_a   90.418
_cell.length_b   44.684
_cell.length_c   99.819
_cell.angle_alpha   90.00
_cell.angle_beta   110.23
_cell.angle_gamma   90.00
#
_symmetry.space_group_name_H-M   'C 1 2 1'
#
loop_
_entity.id
_entity.type
_entity.pdbx_description
1 polymer 'MITOCHONDRIAL REPLICATION PROTEIN MTF1'
2 non-polymer XENON
3 water water
#
_entity_poly.entity_id   1
_entity_poly.type   'polypeptide(L)'
_entity_poly.pdbx_seq_one_letter_code
;MGGSHHHHHHMASSVPIPGIKDISKLKFFYGFKYLWNPTVYNKIFDKLDLTKTYKHPEELKVLDLYPGVGIQSAIFYNKY
CPRQYSLLEKRSSLYKFLNAKFEGSPLQILKRDPYDWSTYSNLIDEERIFVPEVQSSDHINDKFLTVANVTGEGSEGLIM
QWLSCIGNKNWLYRFGKVKMLLWMPSTTARKLLARPGMHSRSKCSVVREAFTDTKLIAISDANELKGFDSQCIEEWDPIL
FSAAEIWPTKGKPIALVEMDPIDFDFDVDNWDYVTRHLMILKRTPLNTVMDSLGHGGQQYFNSRITDKDLLKKCPIDLTN
DEFIYLTKLFMEWPFKPDILMDFVDMYQTEHSG
;
_entity_poly.pdbx_strand_id   A
#
# COMPACT_ATOMS: atom_id res chain seq x y z
N PRO A 16 -3.99 14.28 26.18
CA PRO A 16 -3.93 15.05 24.91
C PRO A 16 -2.49 15.43 24.54
N ILE A 17 -2.04 14.94 23.38
CA ILE A 17 -0.68 15.21 22.90
C ILE A 17 -0.52 16.52 22.15
N PRO A 18 0.68 17.11 22.22
CA PRO A 18 0.96 18.37 21.53
C PRO A 18 1.08 18.23 20.01
N GLY A 19 0.37 19.09 19.28
CA GLY A 19 0.44 19.05 17.83
C GLY A 19 1.76 19.69 17.46
N ILE A 20 2.47 19.12 16.50
CA ILE A 20 3.76 19.67 16.10
C ILE A 20 3.59 20.69 14.98
N LYS A 21 4.27 21.83 15.09
CA LYS A 21 4.19 22.86 14.04
C LYS A 21 5.55 22.98 13.37
N ASP A 22 5.90 24.18 12.92
CA ASP A 22 7.18 24.39 12.27
C ASP A 22 8.35 24.38 13.27
N ILE A 23 8.38 23.32 14.05
CA ILE A 23 9.45 23.04 15.00
C ILE A 23 10.14 22.05 14.10
N SER A 24 9.28 21.35 13.35
CA SER A 24 9.69 20.33 12.40
C SER A 24 10.65 20.91 11.38
N LYS A 25 10.72 22.23 11.32
CA LYS A 25 11.62 22.87 10.38
C LYS A 25 13.05 22.67 10.88
N LEU A 26 13.42 21.43 11.21
CA LEU A 26 14.77 21.15 11.72
C LEU A 26 15.26 19.68 11.67
N LYS A 27 15.43 19.08 10.48
CA LYS A 27 15.91 17.68 10.41
C LYS A 27 16.38 17.35 8.98
N PHE A 28 16.56 16.07 8.65
CA PHE A 28 16.96 15.68 7.27
C PHE A 28 15.88 14.89 6.53
N PHE A 29 15.41 13.81 7.16
CA PHE A 29 14.34 12.98 6.61
C PHE A 29 14.66 11.88 5.57
N TYR A 30 15.86 11.88 5.00
CA TYR A 30 16.22 10.85 4.00
C TYR A 30 15.30 10.68 2.80
N GLY A 31 14.69 11.75 2.33
CA GLY A 31 13.82 11.63 1.17
C GLY A 31 12.35 11.56 1.52
N PHE A 32 12.04 11.48 2.80
CA PHE A 32 10.65 11.43 3.20
C PHE A 32 10.08 12.83 3.21
N LYS A 33 8.77 12.90 3.03
CA LYS A 33 8.04 14.16 3.01
C LYS A 33 6.84 13.95 3.92
N TYR A 34 6.40 15.00 4.60
CA TYR A 34 5.27 14.87 5.49
C TYR A 34 4.28 16.03 5.40
N LEU A 35 3.00 15.70 5.51
CA LEU A 35 1.97 16.71 5.50
C LEU A 35 2.03 17.23 6.92
N TRP A 36 2.05 18.55 7.09
CA TRP A 36 2.11 19.13 8.42
C TRP A 36 0.91 19.98 8.79
N ASN A 37 0.09 20.34 7.80
CA ASN A 37 -1.11 21.17 8.03
C ASN A 37 -2.25 20.35 8.64
N PRO A 38 -2.52 20.55 9.94
CA PRO A 38 -3.57 19.85 10.68
C PRO A 38 -4.95 19.98 10.04
N THR A 39 -5.18 21.11 9.38
CA THR A 39 -6.45 21.38 8.72
C THR A 39 -6.75 20.26 7.72
N VAL A 40 -5.72 19.85 7.01
CA VAL A 40 -5.84 18.81 6.02
C VAL A 40 -6.12 17.46 6.67
N TYR A 41 -5.34 17.09 7.69
CA TYR A 41 -5.56 15.80 8.34
C TYR A 41 -7.02 15.65 8.76
N ASN A 42 -7.60 16.73 9.27
CA ASN A 42 -9.01 16.67 9.67
C ASN A 42 -9.89 16.33 8.50
N LYS A 43 -9.66 16.98 7.37
CA LYS A 43 -10.45 16.72 6.18
C LYS A 43 -10.31 15.26 5.79
N ILE A 44 -9.10 14.74 5.95
CA ILE A 44 -8.79 13.35 5.62
C ILE A 44 -9.49 12.38 6.56
N PHE A 45 -9.34 12.62 7.85
CA PHE A 45 -9.98 11.76 8.84
C PHE A 45 -11.49 11.83 8.72
N ASP A 46 -12.00 13.00 8.33
CA ASP A 46 -13.44 13.16 8.15
C ASP A 46 -13.85 12.32 6.95
N LYS A 47 -12.98 12.28 5.95
CA LYS A 47 -13.23 11.53 4.72
C LYS A 47 -13.11 10.01 4.94
N LEU A 48 -12.11 9.59 5.71
CA LEU A 48 -11.91 8.18 5.98
C LEU A 48 -13.07 7.57 6.78
N ASP A 49 -13.55 8.31 7.78
CA ASP A 49 -14.64 7.87 8.66
C ASP A 49 -14.31 6.50 9.26
N LEU A 50 -13.09 6.39 9.79
CA LEU A 50 -12.58 5.17 10.37
C LEU A 50 -13.48 4.39 11.31
N THR A 51 -14.09 5.08 12.28
CA THR A 51 -14.96 4.41 13.23
C THR A 51 -16.16 3.72 12.58
N LYS A 52 -16.32 3.87 11.27
CA LYS A 52 -17.42 3.20 10.60
C LYS A 52 -17.06 1.72 10.60
N THR A 53 -15.77 1.44 10.78
CA THR A 53 -15.28 0.07 10.80
C THR A 53 -14.68 -0.24 12.18
N TYR A 54 -14.04 0.76 12.79
CA TYR A 54 -13.46 0.59 14.12
C TYR A 54 -14.43 1.26 15.08
N LYS A 55 -15.46 0.50 15.45
CA LYS A 55 -16.51 0.98 16.33
C LYS A 55 -16.12 1.01 17.81
N HIS A 56 -14.93 0.54 18.14
CA HIS A 56 -14.50 0.55 19.53
C HIS A 56 -13.04 1.00 19.63
N PRO A 57 -12.79 2.27 19.34
CA PRO A 57 -11.46 2.90 19.36
C PRO A 57 -10.65 2.73 20.65
N GLU A 58 -11.33 2.51 21.77
CA GLU A 58 -10.63 2.31 23.04
C GLU A 58 -9.93 0.96 22.93
N GLU A 59 -10.57 0.06 22.21
CA GLU A 59 -10.08 -1.30 22.00
C GLU A 59 -9.03 -1.43 20.89
N LEU A 60 -9.00 -0.46 19.98
CA LEU A 60 -8.09 -0.45 18.84
C LEU A 60 -6.59 -0.32 19.15
N LYS A 61 -5.78 -1.01 18.35
CA LYS A 61 -4.32 -0.94 18.49
C LYS A 61 -3.78 -0.48 17.13
N VAL A 62 -2.86 0.49 17.15
CA VAL A 62 -2.32 1.02 15.91
C VAL A 62 -0.81 0.94 15.79
N LEU A 63 -0.34 0.63 14.58
CA LEU A 63 1.08 0.52 14.30
C LEU A 63 1.44 1.63 13.31
N ASP A 64 2.36 2.51 13.70
CA ASP A 64 2.78 3.63 12.87
C ASP A 64 4.20 3.48 12.35
N LEU A 65 4.36 3.21 11.06
CA LEU A 65 5.69 3.01 10.46
C LEU A 65 6.26 4.31 9.88
N TYR A 66 7.43 4.72 10.36
CA TYR A 66 8.11 5.94 9.93
C TYR A 66 7.25 7.18 10.17
N PRO A 67 6.79 7.36 11.42
CA PRO A 67 5.94 8.48 11.86
C PRO A 67 6.48 9.83 11.40
N GLY A 68 7.81 9.98 11.46
CA GLY A 68 8.46 11.20 11.06
C GLY A 68 8.37 12.36 12.04
N VAL A 69 7.32 13.15 11.88
CA VAL A 69 7.09 14.31 12.72
C VAL A 69 5.91 14.09 13.67
N GLY A 70 5.31 12.90 13.60
CA GLY A 70 4.21 12.55 14.47
C GLY A 70 3.01 13.49 14.51
N ILE A 71 2.87 14.31 13.48
CA ILE A 71 1.75 15.24 13.41
C ILE A 71 0.48 14.40 13.24
N GLN A 72 0.52 13.50 12.28
CA GLN A 72 -0.61 12.62 12.03
C GLN A 72 -0.89 11.77 13.28
N SER A 73 0.18 11.34 13.94
CA SER A 73 0.07 10.50 15.14
C SER A 73 -0.58 11.22 16.30
N ALA A 74 -0.22 12.49 16.49
CA ALA A 74 -0.77 13.26 17.58
C ALA A 74 -2.24 13.56 17.31
N ILE A 75 -2.55 13.85 16.06
CA ILE A 75 -3.91 14.19 15.70
C ILE A 75 -4.81 12.96 15.78
N PHE A 76 -4.34 11.84 15.24
CA PHE A 76 -5.13 10.63 15.28
C PHE A 76 -5.42 10.26 16.73
N TYR A 77 -4.36 10.18 17.53
CA TYR A 77 -4.51 9.81 18.92
C TYR A 77 -5.45 10.74 19.65
N ASN A 78 -5.25 12.04 19.47
CA ASN A 78 -6.10 13.04 20.11
C ASN A 78 -7.56 12.86 19.73
N LYS A 79 -7.81 12.36 18.53
CA LYS A 79 -9.17 12.14 18.07
C LYS A 79 -9.77 10.80 18.51
N TYR A 80 -8.94 9.76 18.59
CA TYR A 80 -9.47 8.44 18.92
C TYR A 80 -9.01 7.68 20.15
N CYS A 81 -8.01 8.18 20.87
CA CYS A 81 -7.50 7.47 22.05
C CYS A 81 -7.52 5.94 21.91
N PRO A 82 -6.73 5.41 20.96
CA PRO A 82 -6.69 3.96 20.77
C PRO A 82 -6.09 3.26 21.98
N ARG A 83 -6.30 1.94 22.07
CA ARG A 83 -5.79 1.15 23.18
C ARG A 83 -4.27 1.21 23.19
N GLN A 84 -3.66 1.24 22.02
CA GLN A 84 -2.22 1.29 21.94
C GLN A 84 -1.80 1.83 20.58
N TYR A 85 -1.01 2.90 20.60
CA TYR A 85 -0.50 3.51 19.38
C TYR A 85 1.01 3.39 19.48
N SER A 86 1.62 2.63 18.58
CA SER A 86 3.06 2.42 18.60
C SER A 86 3.73 2.94 17.34
N LEU A 87 4.79 3.72 17.53
CA LEU A 87 5.54 4.33 16.44
C LEU A 87 6.92 3.71 16.26
N LEU A 88 7.23 3.28 15.03
CA LEU A 88 8.52 2.68 14.72
C LEU A 88 9.38 3.64 13.92
N GLU A 89 10.29 4.33 14.60
CA GLU A 89 11.13 5.30 13.92
C GLU A 89 12.57 4.82 13.89
N LYS A 90 13.13 4.67 12.70
CA LYS A 90 14.51 4.21 12.59
C LYS A 90 15.53 5.37 12.65
N ARG A 91 15.19 6.47 11.99
CA ARG A 91 16.07 7.65 11.94
C ARG A 91 16.26 8.25 13.33
N SER A 92 17.51 8.25 13.78
CA SER A 92 17.89 8.77 15.09
C SER A 92 17.44 10.21 15.39
N SER A 93 17.76 11.15 14.51
CA SER A 93 17.37 12.54 14.74
C SER A 93 15.86 12.67 14.92
N LEU A 94 15.09 12.03 14.02
CA LEU A 94 13.64 12.07 14.10
C LEU A 94 13.15 11.31 15.32
N TYR A 95 13.83 10.19 15.63
CA TYR A 95 13.48 9.38 16.79
C TYR A 95 13.66 10.24 18.04
N LYS A 96 14.78 10.94 18.08
CA LYS A 96 15.11 11.81 19.20
C LYS A 96 14.07 12.94 19.25
N PHE A 97 13.75 13.50 18.09
CA PHE A 97 12.76 14.57 18.05
C PHE A 97 11.46 14.11 18.69
N LEU A 98 10.89 13.05 18.13
CA LEU A 98 9.63 12.52 18.62
C LEU A 98 9.75 12.17 20.08
N ASN A 99 10.90 11.63 20.46
CA ASN A 99 11.10 11.23 21.83
C ASN A 99 10.96 12.39 22.80
N ALA A 100 11.40 13.58 22.38
CA ALA A 100 11.32 14.76 23.23
C ALA A 100 9.90 15.29 23.25
N LYS A 101 9.40 15.64 22.06
CA LYS A 101 8.05 16.19 21.92
C LYS A 101 6.97 15.45 22.67
N PHE A 102 6.86 14.14 22.44
CA PHE A 102 5.81 13.35 23.08
C PHE A 102 6.20 12.73 24.41
N GLU A 103 7.29 13.20 24.99
CA GLU A 103 7.72 12.68 26.27
C GLU A 103 6.56 12.74 27.25
N GLY A 104 6.25 11.60 27.87
CA GLY A 104 5.16 11.55 28.84
C GLY A 104 3.80 11.23 28.23
N SER A 105 3.74 11.17 26.90
CA SER A 105 2.49 10.87 26.21
C SER A 105 2.18 9.38 26.23
N PRO A 106 0.95 9.00 25.84
CA PRO A 106 0.52 7.61 25.80
C PRO A 106 1.19 6.89 24.63
N LEU A 107 1.76 7.65 23.71
CA LEU A 107 2.43 7.07 22.55
C LEU A 107 3.66 6.27 22.97
N GLN A 108 3.82 5.12 22.32
CA GLN A 108 4.94 4.21 22.55
C GLN A 108 5.88 4.45 21.38
N ILE A 109 7.08 4.95 21.66
CA ILE A 109 8.03 5.25 20.59
C ILE A 109 9.25 4.36 20.63
N LEU A 110 9.39 3.53 19.60
CA LEU A 110 10.50 2.58 19.52
C LEU A 110 11.35 2.92 18.32
N LYS A 111 12.67 2.75 18.43
CA LYS A 111 13.52 3.03 17.30
C LYS A 111 13.95 1.72 16.67
N ARG A 112 13.30 1.37 15.57
CA ARG A 112 13.57 0.12 14.87
C ARG A 112 13.24 0.26 13.39
N ASP A 113 13.84 -0.57 12.55
CA ASP A 113 13.56 -0.51 11.11
C ASP A 113 12.15 -1.04 10.86
N PRO A 114 11.25 -0.17 10.40
CA PRO A 114 9.88 -0.62 10.14
C PRO A 114 9.83 -1.57 8.95
N TYR A 115 10.88 -1.55 8.14
CA TYR A 115 10.91 -2.38 6.94
C TYR A 115 11.91 -3.51 6.97
N ASP A 116 11.97 -4.17 8.12
CA ASP A 116 12.83 -5.32 8.35
C ASP A 116 11.97 -6.38 9.02
N TRP A 117 11.93 -7.57 8.41
CA TRP A 117 11.14 -8.68 8.93
C TRP A 117 11.47 -8.99 10.40
N SER A 118 12.74 -8.84 10.76
CA SER A 118 13.19 -9.12 12.12
C SER A 118 12.51 -8.28 13.19
N THR A 119 12.19 -7.04 12.85
CA THR A 119 11.56 -6.12 13.77
C THR A 119 10.24 -6.64 14.31
N TYR A 120 9.39 -7.14 13.42
CA TYR A 120 8.08 -7.66 13.80
C TYR A 120 8.18 -9.00 14.49
N SER A 121 9.07 -9.84 13.96
CA SER A 121 9.30 -11.15 14.54
C SER A 121 9.65 -10.96 16.03
N ASN A 122 10.41 -9.91 16.32
CA ASN A 122 10.82 -9.62 17.69
C ASN A 122 9.86 -8.81 18.54
N LEU A 123 9.28 -7.76 17.97
CA LEU A 123 8.35 -6.93 18.73
C LEU A 123 7.02 -7.59 18.98
N ILE A 124 6.59 -8.40 18.04
CA ILE A 124 5.31 -9.08 18.17
C ILE A 124 5.43 -10.45 18.83
N ASP A 125 6.13 -11.35 18.15
CA ASP A 125 6.28 -12.72 18.63
C ASP A 125 7.17 -12.92 19.83
N GLU A 126 8.46 -12.64 19.68
CA GLU A 126 9.41 -12.82 20.76
C GLU A 126 9.11 -12.03 22.03
N GLU A 127 9.06 -10.71 21.92
CA GLU A 127 8.84 -9.88 23.11
C GLU A 127 7.41 -9.57 23.53
N ARG A 128 6.45 -9.81 22.66
CA ARG A 128 5.05 -9.55 23.01
C ARG A 128 4.80 -8.07 23.33
N ILE A 129 5.61 -7.20 22.75
CA ILE A 129 5.50 -5.76 23.00
C ILE A 129 4.28 -5.16 22.34
N PHE A 130 3.95 -5.71 21.17
CA PHE A 130 2.81 -5.25 20.41
C PHE A 130 2.26 -6.48 19.73
N VAL A 131 1.14 -6.97 20.24
CA VAL A 131 0.56 -8.13 19.61
C VAL A 131 -0.92 -7.87 19.39
N PRO A 132 -1.31 -7.73 18.11
CA PRO A 132 -2.68 -7.48 17.61
C PRO A 132 -3.60 -8.69 17.73
N GLU A 133 -4.89 -8.43 17.62
CA GLU A 133 -5.89 -9.49 17.70
C GLU A 133 -6.10 -10.07 16.30
N VAL A 134 -5.80 -11.36 16.12
CA VAL A 134 -6.00 -12.02 14.82
C VAL A 134 -7.50 -12.21 14.62
N GLN A 135 -7.98 -12.08 13.39
CA GLN A 135 -9.40 -12.24 13.14
C GLN A 135 -9.66 -12.95 11.82
N SER A 136 -10.92 -13.33 11.61
CA SER A 136 -11.33 -14.05 10.41
C SER A 136 -11.32 -13.13 9.20
N SER A 137 -10.54 -13.51 8.19
CA SER A 137 -10.40 -12.72 6.98
C SER A 137 -11.66 -12.62 6.12
N ASP A 138 -12.83 -12.53 6.76
CA ASP A 138 -14.09 -12.41 6.05
C ASP A 138 -14.53 -10.96 6.17
N HIS A 139 -13.78 -10.19 6.92
CA HIS A 139 -14.09 -8.79 7.14
C HIS A 139 -12.83 -8.09 7.63
N ILE A 140 -12.69 -6.81 7.31
CA ILE A 140 -11.52 -6.05 7.74
C ILE A 140 -11.34 -6.11 9.26
N ASN A 141 -10.16 -6.54 9.69
CA ASN A 141 -9.83 -6.63 11.10
C ASN A 141 -10.29 -5.32 11.74
N ASP A 142 -11.01 -5.41 12.86
CA ASP A 142 -11.52 -4.19 13.50
C ASP A 142 -10.87 -3.80 14.81
N LYS A 143 -9.64 -4.25 15.03
CA LYS A 143 -8.96 -3.93 16.27
C LYS A 143 -7.52 -3.66 15.94
N PHE A 144 -7.18 -3.81 14.66
CA PHE A 144 -5.82 -3.58 14.22
C PHE A 144 -5.76 -2.71 12.97
N LEU A 145 -5.02 -1.61 13.09
CA LEU A 145 -4.86 -0.65 12.01
C LEU A 145 -3.38 -0.30 11.91
N THR A 146 -2.91 -0.15 10.68
CA THR A 146 -1.51 0.21 10.45
C THR A 146 -1.38 1.37 9.48
N VAL A 147 -0.55 2.34 9.88
CA VAL A 147 -0.28 3.53 9.07
C VAL A 147 1.21 3.55 8.74
N ALA A 148 1.54 3.98 7.53
CA ALA A 148 2.94 4.01 7.13
C ALA A 148 3.30 5.07 6.11
N ASN A 149 4.50 5.63 6.23
CA ASN A 149 4.98 6.62 5.29
C ASN A 149 6.01 5.94 4.42
N VAL A 150 5.79 5.97 3.11
CA VAL A 150 6.71 5.33 2.17
C VAL A 150 7.10 6.35 1.10
N THR A 151 7.28 7.59 1.52
CA THR A 151 7.64 8.67 0.60
C THR A 151 9.12 8.71 0.22
N GLY A 152 9.97 8.02 0.98
CA GLY A 152 11.39 7.99 0.70
C GLY A 152 11.82 7.17 -0.52
N GLU A 153 13.12 6.90 -0.63
CA GLU A 153 13.70 6.15 -1.74
C GLU A 153 13.32 4.66 -1.78
N GLY A 154 13.05 4.16 -2.98
CA GLY A 154 12.71 2.76 -3.16
C GLY A 154 11.32 2.35 -2.75
N SER A 155 10.42 3.33 -2.67
CA SER A 155 9.04 3.08 -2.30
C SER A 155 8.39 2.07 -3.24
N GLU A 156 8.80 2.09 -4.50
CA GLU A 156 8.25 1.17 -5.50
C GLU A 156 8.58 -0.29 -5.22
N GLY A 157 9.74 -0.53 -4.62
CA GLY A 157 10.13 -1.89 -4.29
C GLY A 157 9.43 -2.31 -3.00
N LEU A 158 9.43 -1.42 -2.02
CA LEU A 158 8.81 -1.71 -0.73
C LEU A 158 7.36 -2.09 -0.93
N ILE A 159 6.70 -1.45 -1.88
CA ILE A 159 5.30 -1.74 -2.15
C ILE A 159 5.11 -3.09 -2.80
N MET A 160 6.05 -3.51 -3.65
CA MET A 160 5.93 -4.80 -4.29
C MET A 160 5.99 -5.87 -3.21
N GLN A 161 6.90 -5.67 -2.26
CA GLN A 161 7.08 -6.59 -1.15
C GLN A 161 5.84 -6.59 -0.27
N TRP A 162 5.34 -5.39 0.01
CA TRP A 162 4.15 -5.22 0.83
C TRP A 162 3.02 -6.04 0.24
N LEU A 163 2.76 -5.87 -1.06
CA LEU A 163 1.71 -6.61 -1.74
C LEU A 163 1.87 -8.10 -1.54
N SER A 164 3.08 -8.60 -1.74
CA SER A 164 3.36 -10.03 -1.61
C SER A 164 2.86 -10.63 -0.31
N CYS A 165 2.93 -9.86 0.78
CA CYS A 165 2.48 -10.33 2.09
C CYS A 165 0.98 -10.51 2.15
N ILE A 166 0.25 -9.72 1.37
CA ILE A 166 -1.19 -9.85 1.36
C ILE A 166 -1.47 -11.18 0.68
N GLY A 167 -0.80 -11.41 -0.44
CA GLY A 167 -0.97 -12.64 -1.18
C GLY A 167 -0.75 -13.89 -0.35
N ASN A 168 0.33 -13.91 0.43
CA ASN A 168 0.67 -15.07 1.25
C ASN A 168 0.19 -14.98 2.69
N LYS A 169 -0.39 -13.85 3.09
CA LYS A 169 -0.84 -13.68 4.48
C LYS A 169 0.32 -13.59 5.45
N ASN A 170 1.47 -13.13 4.95
CA ASN A 170 2.66 -13.00 5.77
C ASN A 170 2.59 -11.73 6.60
N TRP A 171 3.68 -11.50 7.31
CA TRP A 171 3.85 -10.30 8.08
C TRP A 171 2.60 -9.94 8.85
N LEU A 172 2.24 -8.67 8.80
CA LEU A 172 1.09 -8.14 9.51
C LEU A 172 -0.23 -8.68 8.97
N TYR A 173 -0.20 -9.30 7.79
CA TYR A 173 -1.45 -9.83 7.25
C TYR A 173 -1.85 -11.18 7.81
N ARG A 174 -1.03 -11.71 8.71
CA ARG A 174 -1.37 -12.98 9.32
C ARG A 174 -2.40 -12.72 10.39
N PHE A 175 -2.79 -11.46 10.54
CA PHE A 175 -3.79 -11.09 11.54
C PHE A 175 -5.18 -10.87 10.94
N GLY A 176 -5.30 -11.04 9.63
CA GLY A 176 -6.57 -10.86 8.97
C GLY A 176 -6.49 -9.84 7.85
N LYS A 177 -7.64 -9.32 7.44
CA LYS A 177 -7.69 -8.31 6.38
C LYS A 177 -7.53 -6.98 7.09
N VAL A 178 -6.29 -6.55 7.30
CA VAL A 178 -6.03 -5.29 8.00
C VAL A 178 -5.97 -4.07 7.08
N LYS A 179 -6.72 -3.06 7.47
CA LYS A 179 -6.75 -1.82 6.72
C LYS A 179 -5.41 -1.12 6.93
N MET A 180 -4.95 -0.44 5.89
CA MET A 180 -3.70 0.28 5.98
C MET A 180 -3.70 1.56 5.13
N LEU A 181 -3.30 2.67 5.76
CA LEU A 181 -3.22 3.96 5.09
C LEU A 181 -1.73 4.22 4.80
N LEU A 182 -1.38 4.41 3.53
CA LEU A 182 0.02 4.66 3.14
C LEU A 182 0.28 5.94 2.33
N TRP A 183 1.30 6.69 2.75
CA TRP A 183 1.72 7.88 2.02
C TRP A 183 2.80 7.37 1.06
N MET A 184 2.93 7.98 -0.09
CA MET A 184 3.93 7.55 -1.06
C MET A 184 4.01 8.54 -2.21
N PRO A 185 5.10 8.50 -2.98
CA PRO A 185 5.14 9.45 -4.09
C PRO A 185 3.96 9.20 -5.01
N SER A 186 3.42 10.26 -5.59
CA SER A 186 2.28 10.15 -6.49
C SER A 186 2.62 9.31 -7.71
N THR A 187 3.88 9.34 -8.13
CA THR A 187 4.28 8.56 -9.29
C THR A 187 4.13 7.08 -8.96
N THR A 188 4.40 6.74 -7.70
CA THR A 188 4.28 5.38 -7.26
C THR A 188 2.80 5.03 -7.16
N ALA A 189 2.01 6.00 -6.72
CA ALA A 189 0.58 5.80 -6.59
C ALA A 189 -0.09 5.67 -7.96
N ARG A 190 0.50 6.27 -8.98
CA ARG A 190 -0.07 6.22 -10.32
C ARG A 190 0.14 4.86 -10.96
N LYS A 191 1.28 4.22 -10.69
CA LYS A 191 1.54 2.90 -11.25
C LYS A 191 0.65 1.92 -10.50
N LEU A 192 0.64 2.07 -9.18
CA LEU A 192 -0.15 1.21 -8.31
C LEU A 192 -1.64 1.16 -8.67
N LEU A 193 -2.23 2.34 -8.83
CA LEU A 193 -3.65 2.42 -9.13
C LEU A 193 -3.99 2.37 -10.61
N ALA A 194 -2.96 2.29 -11.45
CA ALA A 194 -3.17 2.23 -12.89
C ALA A 194 -4.16 1.14 -13.30
N ARG A 195 -5.01 1.47 -14.28
CA ARG A 195 -6.01 0.54 -14.81
C ARG A 195 -5.50 -0.05 -16.10
N PRO A 196 -6.15 -1.12 -16.60
CA PRO A 196 -5.77 -1.81 -17.83
C PRO A 196 -5.70 -0.85 -19.01
N GLY A 197 -4.65 -1.00 -19.82
CA GLY A 197 -4.52 -0.14 -20.97
C GLY A 197 -3.67 1.08 -20.71
N MET A 198 -3.71 1.61 -19.49
CA MET A 198 -2.93 2.80 -19.16
C MET A 198 -1.42 2.59 -19.25
N HIS A 199 -0.71 3.68 -19.50
CA HIS A 199 0.74 3.64 -19.64
C HIS A 199 1.42 3.29 -18.32
N SER A 200 0.75 3.62 -17.22
CA SER A 200 1.26 3.36 -15.89
C SER A 200 1.11 1.89 -15.46
N ARG A 201 0.27 1.14 -16.18
CA ARG A 201 0.05 -0.27 -15.88
C ARG A 201 1.36 -1.04 -15.71
N SER A 202 1.48 -1.71 -14.56
CA SER A 202 2.67 -2.50 -14.24
C SER A 202 2.25 -3.71 -13.43
N LYS A 203 3.21 -4.58 -13.14
CA LYS A 203 2.95 -5.77 -12.35
C LYS A 203 2.24 -5.42 -11.03
N CYS A 204 2.72 -4.37 -10.37
CA CYS A 204 2.13 -3.94 -9.10
C CYS A 204 0.67 -3.49 -9.20
N SER A 205 0.27 -2.92 -10.33
CA SER A 205 -1.13 -2.50 -10.49
C SER A 205 -1.98 -3.78 -10.54
N VAL A 206 -1.48 -4.76 -11.30
CA VAL A 206 -2.14 -6.04 -11.43
C VAL A 206 -2.26 -6.76 -10.07
N VAL A 207 -1.18 -6.73 -9.30
CA VAL A 207 -1.17 -7.36 -8.00
C VAL A 207 -2.12 -6.62 -7.06
N ARG A 208 -2.06 -5.29 -7.10
CA ARG A 208 -2.93 -4.45 -6.27
C ARG A 208 -4.38 -4.72 -6.66
N GLU A 209 -4.60 -4.93 -7.95
CA GLU A 209 -5.95 -5.21 -8.42
C GLU A 209 -6.40 -6.57 -7.86
N ALA A 210 -5.51 -7.55 -7.92
CA ALA A 210 -5.80 -8.89 -7.46
C ALA A 210 -6.00 -9.10 -5.96
N PHE A 211 -5.20 -8.44 -5.14
CA PHE A 211 -5.28 -8.63 -3.69
C PHE A 211 -5.93 -7.55 -2.84
N THR A 212 -6.19 -6.38 -3.41
CA THR A 212 -6.76 -5.33 -2.57
C THR A 212 -7.80 -4.44 -3.21
N ASP A 213 -8.35 -3.59 -2.37
CA ASP A 213 -9.30 -2.58 -2.76
C ASP A 213 -8.67 -1.29 -2.24
N THR A 214 -7.88 -0.64 -3.09
CA THR A 214 -7.21 0.58 -2.67
C THR A 214 -7.83 1.84 -3.25
N LYS A 215 -8.04 2.83 -2.40
CA LYS A 215 -8.61 4.11 -2.81
C LYS A 215 -7.61 5.23 -2.62
N LEU A 216 -7.63 6.22 -3.52
CA LEU A 216 -6.75 7.37 -3.41
C LEU A 216 -7.53 8.32 -2.51
N ILE A 217 -6.95 8.70 -1.38
CA ILE A 217 -7.60 9.56 -0.42
C ILE A 217 -7.16 11.01 -0.48
N ALA A 218 -5.89 11.22 -0.80
CA ALA A 218 -5.38 12.57 -0.85
C ALA A 218 -4.18 12.66 -1.75
N ILE A 219 -3.98 13.83 -2.34
CA ILE A 219 -2.84 14.06 -3.22
C ILE A 219 -2.44 15.52 -3.08
N SER A 220 -1.15 15.80 -3.24
CA SER A 220 -0.66 17.17 -3.07
C SER A 220 -0.53 18.01 -4.33
N ASP A 221 -0.95 17.48 -5.47
CA ASP A 221 -0.87 18.24 -6.70
C ASP A 221 -2.03 17.93 -7.64
N ALA A 222 -2.89 18.93 -7.84
CA ALA A 222 -4.06 18.77 -8.71
C ALA A 222 -3.63 18.32 -10.11
N ASN A 223 -2.38 18.64 -10.45
CA ASN A 223 -1.83 18.30 -11.75
C ASN A 223 -1.61 16.79 -11.85
N GLU A 224 -1.43 16.14 -10.71
CA GLU A 224 -1.18 14.70 -10.69
C GLU A 224 -2.40 13.85 -11.01
N LEU A 225 -3.58 14.40 -10.77
CA LEU A 225 -4.82 13.65 -11.03
C LEU A 225 -4.98 13.15 -12.45
N LYS A 226 -4.39 13.84 -13.41
CA LYS A 226 -4.50 13.43 -14.81
C LYS A 226 -3.87 12.07 -15.08
N GLY A 227 -2.92 11.68 -14.24
CA GLY A 227 -2.26 10.41 -14.41
C GLY A 227 -3.17 9.27 -13.99
N PHE A 228 -4.14 9.57 -13.11
CA PHE A 228 -5.07 8.55 -12.66
C PHE A 228 -6.30 8.46 -13.55
N ASP A 229 -7.04 7.38 -13.36
CA ASP A 229 -8.25 7.13 -14.12
C ASP A 229 -9.28 8.19 -13.80
N SER A 230 -9.77 8.88 -14.83
CA SER A 230 -10.77 9.91 -14.66
C SER A 230 -12.00 9.39 -13.93
N GLN A 231 -12.42 8.18 -14.29
CA GLN A 231 -13.59 7.58 -13.66
C GLN A 231 -13.32 7.32 -12.19
N CYS A 232 -12.13 6.81 -11.86
CA CYS A 232 -11.77 6.54 -10.46
C CYS A 232 -11.64 7.81 -9.64
N ILE A 233 -11.07 8.85 -10.24
CA ILE A 233 -10.94 10.11 -9.54
C ILE A 233 -12.35 10.53 -9.15
N GLU A 234 -13.32 10.19 -10.01
CA GLU A 234 -14.72 10.50 -9.76
C GLU A 234 -15.13 9.87 -8.44
N GLU A 235 -15.14 8.54 -8.42
CA GLU A 235 -15.52 7.78 -7.24
C GLU A 235 -14.65 8.10 -6.04
N TRP A 236 -13.37 8.36 -6.27
CA TRP A 236 -12.48 8.65 -5.15
C TRP A 236 -12.66 10.04 -4.55
N ASP A 237 -12.70 11.06 -5.41
CA ASP A 237 -12.86 12.44 -4.96
C ASP A 237 -11.87 12.67 -3.82
N PRO A 238 -10.56 12.60 -4.13
CA PRO A 238 -9.47 12.80 -3.17
C PRO A 238 -9.22 14.23 -2.74
N ILE A 239 -8.93 14.39 -1.45
CA ILE A 239 -8.62 15.70 -0.89
C ILE A 239 -7.35 16.24 -1.53
N LEU A 240 -7.44 17.46 -2.04
CA LEU A 240 -6.28 18.07 -2.66
C LEU A 240 -5.68 19.10 -1.72
N PHE A 241 -4.37 19.23 -1.77
CA PHE A 241 -3.67 20.20 -0.94
C PHE A 241 -2.45 20.61 -1.71
N SER A 242 -1.66 21.52 -1.15
CA SER A 242 -0.50 22.01 -1.87
C SER A 242 0.83 21.52 -1.37
N ALA A 243 1.86 21.90 -2.12
CA ALA A 243 3.23 21.59 -1.82
C ALA A 243 3.64 22.28 -0.53
N ALA A 244 3.01 23.41 -0.24
CA ALA A 244 3.32 24.18 0.94
C ALA A 244 3.02 23.44 2.24
N GLU A 245 1.98 22.60 2.20
CA GLU A 245 1.57 21.85 3.39
C GLU A 245 2.46 20.64 3.61
N ILE A 246 3.41 20.42 2.71
CA ILE A 246 4.33 19.30 2.82
C ILE A 246 5.62 19.90 3.33
N TRP A 247 6.14 19.41 4.45
CA TRP A 247 7.34 20.02 4.98
C TRP A 247 8.57 19.93 4.10
N PRO A 248 9.31 18.81 4.17
CA PRO A 248 10.48 18.82 3.30
C PRO A 248 10.05 19.33 1.93
N THR A 249 10.45 20.55 1.62
CA THR A 249 10.06 21.19 0.38
C THR A 249 10.81 20.69 -0.86
N LYS A 250 10.54 21.36 -1.98
CA LYS A 250 11.14 21.04 -3.27
C LYS A 250 11.16 19.55 -3.60
N GLY A 251 10.31 18.78 -2.92
CA GLY A 251 10.24 17.36 -3.19
C GLY A 251 9.06 17.06 -4.12
N LYS A 252 9.01 15.83 -4.63
CA LYS A 252 7.91 15.45 -5.52
C LYS A 252 6.61 15.28 -4.73
N PRO A 253 5.48 15.47 -5.41
CA PRO A 253 4.20 15.31 -4.71
C PRO A 253 3.93 13.91 -4.16
N ILE A 254 3.28 13.87 -3.01
CA ILE A 254 2.96 12.63 -2.33
C ILE A 254 1.46 12.35 -2.39
N ALA A 255 1.10 11.11 -2.08
CA ALA A 255 -0.29 10.70 -2.13
C ALA A 255 -0.70 9.73 -1.02
N LEU A 256 -1.90 9.92 -0.48
CA LEU A 256 -2.42 9.05 0.57
C LEU A 256 -3.36 7.99 0.00
N VAL A 257 -3.10 6.73 0.32
CA VAL A 257 -3.91 5.63 -0.17
C VAL A 257 -4.43 4.74 0.93
N GLU A 258 -5.68 4.31 0.80
CA GLU A 258 -6.30 3.41 1.75
C GLU A 258 -6.29 2.05 1.08
N MET A 259 -5.52 1.13 1.69
CA MET A 259 -5.34 -0.22 1.18
C MET A 259 -6.03 -1.27 2.03
N ASP A 260 -7.04 -1.91 1.43
CA ASP A 260 -7.80 -2.94 2.11
C ASP A 260 -7.68 -4.27 1.37
N PRO A 261 -7.19 -5.31 2.06
CA PRO A 261 -7.07 -6.60 1.37
C PRO A 261 -8.45 -7.24 1.14
N ILE A 262 -8.57 -7.98 0.04
CA ILE A 262 -9.82 -8.66 -0.31
C ILE A 262 -9.53 -10.15 -0.47
N ASP A 263 -10.59 -10.96 -0.49
CA ASP A 263 -10.44 -12.40 -0.65
C ASP A 263 -10.22 -12.77 -2.11
N PHE A 264 -9.41 -13.79 -2.34
CA PHE A 264 -9.15 -14.27 -3.69
C PHE A 264 -9.09 -15.78 -3.67
N ASP A 265 -9.39 -16.40 -4.81
CA ASP A 265 -9.35 -17.85 -4.88
C ASP A 265 -8.65 -18.30 -6.15
N PHE A 266 -7.33 -18.29 -6.13
CA PHE A 266 -6.55 -18.74 -7.26
C PHE A 266 -5.15 -19.13 -6.82
N ASP A 267 -4.39 -19.76 -7.71
CA ASP A 267 -3.06 -20.20 -7.37
C ASP A 267 -2.04 -19.08 -7.47
N VAL A 268 -1.73 -18.49 -6.33
CA VAL A 268 -0.78 -17.40 -6.25
C VAL A 268 0.54 -17.74 -6.92
N ASP A 269 1.07 -18.92 -6.60
CA ASP A 269 2.35 -19.36 -7.13
C ASP A 269 2.41 -19.35 -8.66
N ASN A 270 1.43 -19.97 -9.31
CA ASN A 270 1.44 -19.99 -10.76
C ASN A 270 1.07 -18.64 -11.35
N TRP A 271 0.12 -17.97 -10.72
CA TRP A 271 -0.32 -16.67 -11.16
C TRP A 271 0.87 -15.74 -11.17
N ASP A 272 1.64 -15.77 -10.09
CA ASP A 272 2.81 -14.92 -10.02
C ASP A 272 3.79 -15.24 -11.15
N TYR A 273 3.96 -16.51 -11.46
CA TYR A 273 4.90 -16.87 -12.51
C TYR A 273 4.44 -16.31 -13.84
N VAL A 274 3.17 -16.52 -14.15
CA VAL A 274 2.61 -16.03 -15.40
C VAL A 274 2.63 -14.52 -15.54
N THR A 275 2.11 -13.80 -14.55
CA THR A 275 2.07 -12.35 -14.62
C THR A 275 3.46 -11.76 -14.68
N ARG A 276 4.39 -12.34 -13.93
CA ARG A 276 5.76 -11.85 -13.91
C ARG A 276 6.31 -11.87 -15.33
N HIS A 277 6.16 -13.01 -15.99
CA HIS A 277 6.66 -13.14 -17.35
C HIS A 277 5.95 -12.28 -18.38
N LEU A 278 4.62 -12.31 -18.35
CA LEU A 278 3.86 -11.53 -19.32
C LEU A 278 4.02 -10.02 -19.11
N MET A 279 4.10 -9.59 -17.86
CA MET A 279 4.23 -8.15 -17.62
C MET A 279 5.59 -7.57 -17.95
N ILE A 280 6.62 -8.40 -18.08
CA ILE A 280 7.95 -7.90 -18.41
C ILE A 280 7.98 -7.60 -19.92
N LEU A 281 6.92 -8.02 -20.60
CA LEU A 281 6.80 -7.81 -22.03
C LEU A 281 5.37 -7.35 -22.21
N LYS A 282 4.91 -6.51 -21.27
CA LYS A 282 3.54 -6.00 -21.27
C LYS A 282 3.05 -5.34 -22.53
N ARG A 283 3.97 -4.83 -23.33
CA ARG A 283 3.61 -4.16 -24.57
C ARG A 283 3.55 -5.09 -25.79
N THR A 284 3.89 -6.36 -25.58
CA THR A 284 3.89 -7.36 -26.66
C THR A 284 2.52 -8.00 -26.87
N PRO A 285 2.13 -8.21 -28.13
CA PRO A 285 0.82 -8.82 -28.39
C PRO A 285 0.73 -10.24 -27.83
N LEU A 286 -0.44 -10.58 -27.29
CA LEU A 286 -0.64 -11.89 -26.70
C LEU A 286 -0.51 -13.04 -27.69
N ASN A 287 -0.33 -12.73 -28.95
CA ASN A 287 -0.19 -13.77 -29.96
C ASN A 287 1.28 -14.06 -30.23
N THR A 288 2.15 -13.52 -29.39
CA THR A 288 3.58 -13.74 -29.56
C THR A 288 4.32 -13.82 -28.25
N VAL A 289 3.73 -13.26 -27.20
CA VAL A 289 4.34 -13.23 -25.88
C VAL A 289 4.31 -14.55 -25.12
N MET A 290 3.41 -15.44 -25.48
CA MET A 290 3.26 -16.70 -24.78
C MET A 290 4.49 -17.63 -24.70
N ASP A 291 5.38 -17.56 -25.67
CA ASP A 291 6.56 -18.41 -25.64
C ASP A 291 7.50 -18.07 -24.50
N SER A 292 7.14 -17.08 -23.69
CA SER A 292 7.97 -16.67 -22.57
C SER A 292 7.67 -17.55 -21.37
N LEU A 293 6.53 -18.22 -21.43
CA LEU A 293 6.10 -19.10 -20.36
C LEU A 293 6.77 -20.47 -20.46
N GLY A 294 7.29 -20.77 -21.66
CA GLY A 294 7.97 -22.03 -21.90
C GLY A 294 8.11 -22.29 -23.38
N HIS A 295 9.05 -23.16 -23.75
CA HIS A 295 9.25 -23.51 -25.16
C HIS A 295 7.94 -24.11 -25.68
N GLY A 296 7.47 -23.63 -26.82
CA GLY A 296 6.24 -24.14 -27.40
C GLY A 296 5.03 -23.52 -26.76
N GLY A 297 5.26 -22.49 -25.95
CA GLY A 297 4.17 -21.82 -25.27
C GLY A 297 3.13 -21.20 -26.19
N GLN A 298 3.59 -20.52 -27.24
CA GLN A 298 2.66 -19.88 -28.15
C GLN A 298 1.76 -20.90 -28.81
N GLN A 299 2.37 -21.92 -29.40
CA GLN A 299 1.60 -22.95 -30.06
C GLN A 299 0.70 -23.67 -29.07
N TYR A 300 1.13 -23.82 -27.83
CA TYR A 300 0.26 -24.46 -26.85
C TYR A 300 -0.94 -23.57 -26.57
N PHE A 301 -0.67 -22.30 -26.22
CA PHE A 301 -1.71 -21.34 -25.91
C PHE A 301 -2.66 -20.98 -27.05
N ASN A 302 -2.14 -20.92 -28.27
CA ASN A 302 -3.01 -20.59 -29.38
C ASN A 302 -4.08 -21.66 -29.62
N SER A 303 -3.99 -22.76 -28.88
CA SER A 303 -4.93 -23.86 -29.03
C SER A 303 -5.95 -23.93 -27.91
N ARG A 304 -5.77 -23.09 -26.90
CA ARG A 304 -6.67 -23.07 -25.78
C ARG A 304 -7.50 -21.80 -25.82
N ILE A 305 -6.86 -20.72 -26.27
CA ILE A 305 -7.50 -19.42 -26.37
C ILE A 305 -8.33 -19.33 -27.63
N THR A 306 -9.63 -19.30 -27.45
CA THR A 306 -10.55 -19.22 -28.57
C THR A 306 -10.95 -17.79 -28.89
N ASP A 307 -11.35 -17.03 -27.88
CA ASP A 307 -11.77 -15.63 -28.02
C ASP A 307 -11.02 -14.88 -29.12
N LYS A 308 -9.69 -14.92 -29.07
CA LYS A 308 -8.86 -14.27 -30.07
C LYS A 308 -8.90 -12.74 -30.09
N ASP A 309 -10.01 -12.15 -29.62
CA ASP A 309 -10.10 -10.70 -29.56
C ASP A 309 -9.10 -10.23 -28.51
N LEU A 310 -8.73 -11.15 -27.62
CA LEU A 310 -7.77 -10.86 -26.58
C LEU A 310 -6.40 -11.39 -26.97
N LEU A 311 -6.34 -12.01 -28.14
CA LEU A 311 -5.08 -12.53 -28.64
C LEU A 311 -4.33 -11.40 -29.30
N LYS A 312 -5.07 -10.33 -29.62
CA LYS A 312 -4.47 -9.17 -30.27
C LYS A 312 -4.13 -8.11 -29.22
N LYS A 313 -4.41 -8.40 -27.96
CA LYS A 313 -4.10 -7.47 -26.87
C LYS A 313 -2.68 -7.64 -26.36
N CYS A 314 -2.38 -6.93 -25.28
CA CYS A 314 -1.07 -6.96 -24.66
C CYS A 314 -1.31 -7.22 -23.19
N PRO A 315 -0.27 -7.67 -22.46
CA PRO A 315 -0.49 -7.92 -21.04
C PRO A 315 -0.90 -6.62 -20.33
N ILE A 316 -0.40 -5.50 -20.84
CA ILE A 316 -0.70 -4.20 -20.25
C ILE A 316 -2.18 -3.85 -20.37
N ASP A 317 -2.89 -4.57 -21.24
CA ASP A 317 -4.32 -4.35 -21.46
C ASP A 317 -5.24 -5.31 -20.72
N LEU A 318 -4.68 -6.41 -20.23
CA LEU A 318 -5.47 -7.42 -19.53
C LEU A 318 -5.85 -7.08 -18.12
N THR A 319 -6.98 -7.65 -17.71
CA THR A 319 -7.48 -7.47 -16.35
C THR A 319 -6.86 -8.62 -15.54
N ASN A 320 -7.10 -8.61 -14.23
CA ASN A 320 -6.54 -9.67 -13.42
C ASN A 320 -7.29 -10.97 -13.68
N ASP A 321 -8.60 -10.86 -13.90
CA ASP A 321 -9.40 -12.04 -14.17
C ASP A 321 -8.88 -12.73 -15.44
N GLU A 322 -8.45 -11.93 -16.41
CA GLU A 322 -7.93 -12.50 -17.64
C GLU A 322 -6.62 -13.20 -17.30
N PHE A 323 -5.88 -12.66 -16.34
CA PHE A 323 -4.62 -13.29 -15.96
C PHE A 323 -4.89 -14.61 -15.26
N ILE A 324 -5.92 -14.62 -14.41
CA ILE A 324 -6.31 -15.82 -13.70
C ILE A 324 -6.61 -16.88 -14.76
N TYR A 325 -7.42 -16.51 -15.74
CA TYR A 325 -7.75 -17.44 -16.82
C TYR A 325 -6.48 -17.95 -17.50
N LEU A 326 -5.54 -17.05 -17.77
CA LEU A 326 -4.31 -17.46 -18.42
C LEU A 326 -3.45 -18.43 -17.61
N THR A 327 -3.46 -18.29 -16.29
CA THR A 327 -2.64 -19.21 -15.50
C THR A 327 -3.35 -20.55 -15.32
N LYS A 328 -4.67 -20.55 -15.48
CA LYS A 328 -5.46 -21.77 -15.40
C LYS A 328 -4.99 -22.62 -16.58
N LEU A 329 -4.93 -21.99 -17.75
CA LEU A 329 -4.47 -22.67 -18.95
C LEU A 329 -3.03 -23.14 -18.76
N PHE A 330 -2.25 -22.34 -18.05
CA PHE A 330 -0.85 -22.66 -17.80
C PHE A 330 -0.69 -23.99 -17.06
N MET A 331 -1.39 -24.12 -15.93
CA MET A 331 -1.33 -25.32 -15.12
C MET A 331 -1.80 -26.57 -15.88
N GLU A 332 -2.78 -26.38 -16.77
CA GLU A 332 -3.33 -27.49 -17.57
C GLU A 332 -2.44 -27.81 -18.77
N TRP A 333 -1.29 -27.15 -18.85
CA TRP A 333 -0.37 -27.38 -19.94
C TRP A 333 0.14 -28.83 -19.80
N PRO A 334 -0.10 -29.67 -20.82
CA PRO A 334 0.32 -31.07 -20.78
C PRO A 334 1.80 -31.28 -21.09
N PHE A 335 2.33 -32.37 -20.53
CA PHE A 335 3.71 -32.75 -20.75
C PHE A 335 4.68 -31.70 -20.27
N LYS A 336 4.44 -31.23 -19.06
CA LYS A 336 5.28 -30.22 -18.44
C LYS A 336 5.84 -30.71 -17.12
N PRO A 337 6.95 -31.45 -17.17
CA PRO A 337 7.63 -32.00 -15.99
C PRO A 337 8.23 -30.92 -15.09
#